data_5ILT
#
_entry.id   5ILT
#
_cell.length_a   80.490
_cell.length_b   72.490
_cell.length_c   87.420
_cell.angle_alpha   90.00
_cell.angle_beta   107.31
_cell.angle_gamma   90.00
#
_symmetry.space_group_name_H-M   'C 1 2 1'
#
loop_
_entity.id
_entity.type
_entity.pdbx_description
1 polymer 'bovine Fab A01 light chain'
2 polymer 'bovine Fab A01 heavy chain'
3 water water
#
loop_
_entity_poly.entity_id
_entity_poly.type
_entity_poly.pdbx_seq_one_letter_code
_entity_poly.pdbx_strand_id
1 'polypeptide(L)'
;QAVLNQPSSVSGSLGQRVSITCSGSSSNVGNGYVSWYQLIPGSAPRTLIYGDTSRASGVPDRFSGSRSGNTATLTISSLQ
AEDEADYFCASAEDSSSNAVFGSGTTLTVLGQPKSPPSVTLFPPSTEELNGNKATLVCLISDFYPGSVTVVWKADGSTIT
RNVETTRASKQSNSKYAASSYLSLTSSDWKSKGSYSCEVTHEGSTVTKTVKPSECS
;
L
2 'polypeptide(L)'
;QVQLRESGPSLVKPSQTLSLTCTASGFSLSDKAVGWVRQAPEKALEWLGSIDTSGTTGYNSGLKSRLSIIKDNSKSQVSL
SVSSVTTEDSATYYCTIVHQETSRRGPDGYSWICECSSGTYTCDADNCGNLCPSDWQLTLHCHRLDSSTYTYDWHVETWG
QGLRVTVSSASTTAPKVYPLSSCCGDKSSSTVTLGCLVSSYMPEPVTVTWNSGALKSGVHTFPAVLQSSGLYSLSSMVTV
PGSTSGQTFTCNVAHPASSTKVDKAVEPKSC
;
H
#
# COMPACT_ATOMS: atom_id res chain seq x y z
N VAL A 3 1.54 11.36 -16.89
CA VAL A 3 1.66 11.49 -15.44
C VAL A 3 1.37 12.93 -15.04
N LEU A 4 0.43 13.10 -14.12
CA LEU A 4 0.13 14.42 -13.57
C LEU A 4 1.20 14.83 -12.57
N ASN A 5 1.58 16.10 -12.61
CA ASN A 5 2.72 16.59 -11.84
C ASN A 5 2.26 16.97 -10.44
N GLN A 6 2.79 16.27 -9.44
CA GLN A 6 2.61 16.58 -8.03
C GLN A 6 3.96 16.84 -7.38
N PRO A 7 3.99 17.61 -6.29
CA PRO A 7 5.23 17.69 -5.51
C PRO A 7 5.57 16.34 -4.88
N SER A 8 6.85 15.99 -4.93
CA SER A 8 7.28 14.70 -4.39
C SER A 8 6.90 14.57 -2.93
N SER A 9 7.02 15.66 -2.16
CA SER A 9 6.67 15.59 -0.75
C SER A 9 6.28 16.97 -0.25
N VAL A 10 5.38 17.00 0.72
CA VAL A 10 4.98 18.22 1.42
C VAL A 10 4.98 17.92 2.90
N SER A 11 4.91 18.99 3.70
CA SER A 11 4.90 18.82 5.15
C SER A 11 4.10 19.95 5.79
N GLY A 12 3.34 19.60 6.82
CA GLY A 12 2.64 20.57 7.62
C GLY A 12 2.70 20.18 9.09
N SER A 13 2.37 21.14 9.94
CA SER A 13 2.41 20.91 11.38
C SER A 13 1.07 20.43 11.88
N LEU A 14 1.09 19.78 13.05
CA LEU A 14 -0.13 19.25 13.64
C LEU A 14 -1.16 20.35 13.83
N GLY A 15 -2.42 20.02 13.55
CA GLY A 15 -3.51 20.97 13.68
C GLY A 15 -3.53 22.09 12.66
N GLN A 16 -2.53 22.16 11.78
CA GLN A 16 -2.48 23.16 10.74
C GLN A 16 -3.01 22.56 9.44
N ARG A 17 -2.88 23.29 8.34
CA ARG A 17 -3.37 22.83 7.06
C ARG A 17 -2.23 22.81 6.05
N VAL A 18 -2.42 22.00 5.00
CA VAL A 18 -1.44 21.90 3.92
C VAL A 18 -2.21 21.62 2.63
N SER A 19 -1.60 21.98 1.51
CA SER A 19 -2.22 21.81 0.20
C SER A 19 -1.27 21.06 -0.73
N ILE A 20 -1.84 20.15 -1.51
CA ILE A 20 -1.10 19.37 -2.49
C ILE A 20 -1.66 19.71 -3.86
N THR A 21 -0.81 20.17 -4.76
CA THR A 21 -1.26 20.55 -6.10
C THR A 21 -1.06 19.40 -7.08
N CYS A 22 -1.79 19.47 -8.19
CA CYS A 22 -1.82 18.43 -9.22
C CYS A 22 -1.89 19.13 -10.57
N SER A 23 -0.74 19.32 -11.20
CA SER A 23 -0.67 20.06 -12.46
C SER A 23 -0.73 19.10 -13.64
N GLY A 24 -1.59 19.43 -14.60
CA GLY A 24 -1.71 18.61 -15.81
C GLY A 24 -1.92 19.47 -17.04
N SER A 25 -2.60 18.91 -18.03
CA SER A 25 -2.85 19.60 -19.29
C SER A 25 -4.35 19.84 -19.46
N SER A 26 -4.69 20.49 -20.57
CA SER A 26 -6.08 20.80 -20.86
C SER A 26 -6.92 19.55 -21.11
N SER A 27 -6.29 18.42 -21.41
CA SER A 27 -7.01 17.20 -21.78
C SER A 27 -7.14 16.20 -20.64
N ASN A 28 -6.56 16.48 -19.48
CA ASN A 28 -6.80 15.64 -18.30
C ASN A 28 -7.42 16.49 -17.19
N VAL A 29 -6.59 17.21 -16.43
CA VAL A 29 -7.12 18.05 -15.35
C VAL A 29 -8.10 19.07 -15.91
N GLY A 30 -7.75 19.72 -17.01
CA GLY A 30 -8.62 20.72 -17.61
C GLY A 30 -9.97 20.17 -18.04
N ASN A 31 -10.08 18.85 -18.21
CA ASN A 31 -11.36 18.25 -18.57
C ASN A 31 -12.39 18.36 -17.46
N GLY A 32 -11.95 18.53 -16.21
CA GLY A 32 -12.83 18.94 -15.14
C GLY A 32 -13.45 17.83 -14.32
N TYR A 33 -12.65 16.86 -13.88
CA TYR A 33 -13.16 15.79 -13.03
C TYR A 33 -12.02 15.06 -12.35
N VAL A 34 -11.42 15.68 -11.35
CA VAL A 34 -10.24 15.17 -10.67
C VAL A 34 -10.66 14.38 -9.45
N SER A 35 -9.90 13.34 -9.14
CA SER A 35 -10.11 12.50 -7.97
C SER A 35 -8.80 12.39 -7.20
N TRP A 36 -8.91 12.09 -5.91
CA TRP A 36 -7.78 12.02 -5.01
C TRP A 36 -7.87 10.76 -4.17
N TYR A 37 -6.72 10.11 -3.96
CA TYR A 37 -6.64 8.84 -3.25
C TYR A 37 -5.55 8.89 -2.19
N GLN A 38 -5.78 8.15 -1.11
CA GLN A 38 -4.86 8.08 0.02
C GLN A 38 -4.32 6.67 0.14
N LEU A 39 -3.00 6.53 0.16
CA LEU A 39 -2.33 5.23 0.26
C LEU A 39 -1.54 5.18 1.56
N ILE A 40 -2.03 4.40 2.51
CA ILE A 40 -1.32 4.13 3.76
C ILE A 40 -0.69 2.74 3.65
N PRO A 41 0.62 2.61 3.82
CA PRO A 41 1.25 1.29 3.61
C PRO A 41 0.63 0.24 4.51
N GLY A 42 0.42 -0.94 3.95
CA GLY A 42 -0.25 -2.02 4.66
C GLY A 42 -1.75 -1.93 4.64
N SER A 43 -2.32 -1.15 3.73
CA SER A 43 -3.76 -0.95 3.66
C SER A 43 -4.14 -0.65 2.22
N ALA A 44 -5.37 -0.98 1.85
CA ALA A 44 -5.83 -0.72 0.51
C ALA A 44 -5.96 0.78 0.27
N PRO A 45 -5.76 1.24 -0.96
CA PRO A 45 -5.97 2.66 -1.26
C PRO A 45 -7.37 3.10 -0.90
N ARG A 46 -7.50 4.40 -0.63
CA ARG A 46 -8.74 4.99 -0.15
C ARG A 46 -9.08 6.20 -1.02
N THR A 47 -10.31 6.25 -1.52
CA THR A 47 -10.78 7.40 -2.29
C THR A 47 -11.15 8.54 -1.34
N LEU A 48 -10.60 9.71 -1.59
CA LEU A 48 -10.89 10.91 -0.80
C LEU A 48 -11.87 11.85 -1.52
N ILE A 49 -11.53 12.25 -2.74
CA ILE A 49 -12.29 13.23 -3.50
C ILE A 49 -12.56 12.68 -4.89
N TYR A 50 -13.73 13.03 -5.43
CA TYR A 50 -14.02 12.78 -6.83
C TYR A 50 -14.82 13.96 -7.36
N GLY A 51 -14.76 14.13 -8.68
CA GLY A 51 -15.43 15.26 -9.31
C GLY A 51 -14.95 16.59 -8.76
N ASP A 52 -13.63 16.73 -8.62
CA ASP A 52 -12.99 17.96 -8.17
C ASP A 52 -13.21 18.23 -6.68
N THR A 53 -14.47 18.25 -6.23
CA THR A 53 -14.81 18.79 -4.92
C THR A 53 -15.63 17.86 -4.03
N SER A 54 -16.17 16.77 -4.55
CA SER A 54 -17.07 15.93 -3.78
C SER A 54 -16.28 14.96 -2.90
N ARG A 55 -16.68 14.86 -1.63
CA ARG A 55 -16.05 13.94 -0.70
C ARG A 55 -16.64 12.54 -0.84
N ALA A 56 -15.76 11.54 -0.85
CA ALA A 56 -16.21 10.16 -0.86
C ALA A 56 -16.84 9.81 0.48
N SER A 57 -17.53 8.68 0.52
CA SER A 57 -18.23 8.25 1.73
C SER A 57 -17.24 8.01 2.85
N GLY A 58 -17.59 8.51 4.04
CA GLY A 58 -16.77 8.32 5.23
C GLY A 58 -15.59 9.27 5.36
N VAL A 59 -15.40 10.18 4.40
CA VAL A 59 -14.28 11.12 4.45
C VAL A 59 -14.72 12.40 5.15
N PRO A 60 -13.98 12.88 6.16
CA PRO A 60 -14.39 14.11 6.85
C PRO A 60 -14.18 15.35 5.99
N ASP A 61 -14.82 16.43 6.42
CA ASP A 61 -14.81 17.68 5.65
C ASP A 61 -13.50 18.45 5.76
N ARG A 62 -12.60 18.06 6.66
CA ARG A 62 -11.27 18.66 6.66
C ARG A 62 -10.45 18.28 5.43
N PHE A 63 -10.86 17.25 4.70
CA PHE A 63 -10.36 16.99 3.36
C PHE A 63 -11.26 17.71 2.35
N SER A 64 -10.64 18.50 1.47
CA SER A 64 -11.39 19.26 0.50
C SER A 64 -10.56 19.41 -0.77
N GLY A 65 -11.25 19.43 -1.91
CA GLY A 65 -10.59 19.58 -3.19
C GLY A 65 -11.09 20.77 -3.97
N SER A 66 -10.28 21.26 -4.90
CA SER A 66 -10.67 22.36 -5.77
C SER A 66 -9.87 22.25 -7.06
N ARG A 67 -10.24 23.08 -8.04
CA ARG A 67 -9.58 23.03 -9.34
C ARG A 67 -9.61 24.39 -10.00
N SER A 68 -8.48 24.80 -10.57
CA SER A 68 -8.36 26.05 -11.32
C SER A 68 -7.65 25.74 -12.63
N GLY A 69 -8.41 25.68 -13.71
CA GLY A 69 -7.82 25.41 -15.01
C GLY A 69 -7.23 24.02 -15.04
N ASN A 70 -5.92 23.95 -15.29
CA ASN A 70 -5.20 22.68 -15.41
C ASN A 70 -4.47 22.29 -14.13
N THR A 71 -4.85 22.88 -13.00
CA THR A 71 -4.24 22.55 -11.71
C THR A 71 -5.33 22.30 -10.69
N ALA A 72 -5.25 21.16 -10.02
CA ALA A 72 -6.15 20.81 -8.93
C ALA A 72 -5.40 20.84 -7.62
N THR A 73 -6.15 20.98 -6.53
CA THR A 73 -5.55 21.11 -5.21
C THR A 73 -6.33 20.28 -4.20
N LEU A 74 -5.60 19.53 -3.38
CA LEU A 74 -6.16 18.86 -2.21
C LEU A 74 -5.67 19.61 -0.98
N THR A 75 -6.60 20.07 -0.15
CA THR A 75 -6.29 20.77 1.08
C THR A 75 -6.72 19.90 2.26
N ILE A 76 -5.83 19.77 3.24
CA ILE A 76 -6.07 18.94 4.42
C ILE A 76 -5.83 19.85 5.62
N SER A 77 -6.91 20.31 6.23
CA SER A 77 -6.82 21.11 7.44
C SER A 77 -6.85 20.20 8.66
N SER A 78 -6.44 20.77 9.79
CA SER A 78 -6.41 20.05 11.07
C SER A 78 -5.61 18.75 10.92
N LEU A 79 -4.35 18.90 10.52
CA LEU A 79 -3.50 17.75 10.28
C LEU A 79 -3.37 16.91 11.55
N GLN A 80 -3.59 15.61 11.40
CA GLN A 80 -3.42 14.63 12.46
C GLN A 80 -2.35 13.63 12.07
N ALA A 81 -1.86 12.88 13.06
CA ALA A 81 -0.77 11.94 12.82
C ALA A 81 -1.14 10.94 11.73
N GLU A 82 -2.39 10.47 11.72
CA GLU A 82 -2.79 9.44 10.77
C GLU A 82 -2.96 9.96 9.35
N ASP A 83 -2.72 11.25 9.11
CA ASP A 83 -2.76 11.79 7.76
C ASP A 83 -1.47 11.56 6.99
N GLU A 84 -0.39 11.14 7.66
CA GLU A 84 0.85 10.83 6.96
C GLU A 84 0.63 9.65 6.03
N ALA A 85 0.86 9.86 4.74
CA ALA A 85 0.60 8.84 3.73
C ALA A 85 1.07 9.39 2.39
N ASP A 86 0.85 8.61 1.35
CA ASP A 86 1.02 9.06 -0.03
C ASP A 86 -0.34 9.46 -0.57
N TYR A 87 -0.38 10.55 -1.34
CA TYR A 87 -1.60 11.06 -1.93
C TYR A 87 -1.44 11.15 -3.44
N PHE A 88 -2.40 10.60 -4.18
CA PHE A 88 -2.37 10.59 -5.64
C PHE A 88 -3.61 11.27 -6.19
N CYS A 89 -3.42 12.13 -7.17
CA CYS A 89 -4.52 12.65 -7.96
C CYS A 89 -4.67 11.81 -9.22
N ALA A 90 -5.85 11.90 -9.83
CA ALA A 90 -6.15 11.11 -11.01
C ALA A 90 -7.16 11.85 -11.86
N SER A 91 -7.20 11.49 -13.14
CA SER A 91 -8.13 12.10 -14.08
C SER A 91 -8.21 11.24 -15.34
N ALA A 92 -9.38 11.24 -15.96
CA ALA A 92 -9.54 10.65 -17.27
C ALA A 92 -8.84 11.51 -18.33
N GLU A 93 -8.70 10.95 -19.52
CA GLU A 93 -8.08 11.66 -20.63
C GLU A 93 -8.51 10.99 -21.94
N ASP A 94 -9.23 11.74 -22.78
CA ASP A 94 -9.71 11.30 -24.09
C ASP A 94 -10.75 10.19 -24.00
N SER A 95 -11.07 9.70 -22.80
CA SER A 95 -12.00 8.60 -22.63
C SER A 95 -12.24 8.35 -21.15
N SER A 96 -13.46 7.95 -20.78
CA SER A 96 -13.78 7.68 -19.39
C SER A 96 -13.17 6.37 -18.89
N SER A 97 -12.47 5.62 -19.74
CA SER A 97 -11.82 4.37 -19.34
C SER A 97 -10.31 4.44 -19.48
N ASN A 98 -9.74 5.63 -19.69
CA ASN A 98 -8.30 5.82 -19.79
C ASN A 98 -7.90 6.83 -18.71
N ALA A 99 -7.60 6.32 -17.52
CA ALA A 99 -7.25 7.16 -16.37
C ALA A 99 -5.75 7.37 -16.29
N VAL A 100 -5.37 8.53 -15.77
CA VAL A 100 -3.97 8.92 -15.59
C VAL A 100 -3.78 9.33 -14.13
N PHE A 101 -2.82 8.71 -13.46
CA PHE A 101 -2.51 9.03 -12.08
C PHE A 101 -1.37 10.03 -11.99
N GLY A 102 -1.34 10.78 -10.90
CA GLY A 102 -0.23 11.68 -10.64
C GLY A 102 0.99 10.95 -10.08
N SER A 103 2.10 11.68 -10.05
CA SER A 103 3.36 11.13 -9.57
C SER A 103 3.32 10.77 -8.08
N GLY A 104 2.38 11.32 -7.32
CA GLY A 104 2.26 10.98 -5.92
C GLY A 104 3.00 11.95 -5.01
N THR A 105 2.41 12.21 -3.84
CA THR A 105 2.97 13.13 -2.87
C THR A 105 2.99 12.46 -1.50
N THR A 106 4.16 12.44 -0.87
CA THR A 106 4.29 11.93 0.50
C THR A 106 4.13 13.10 1.47
N LEU A 107 3.24 12.93 2.45
CA LEU A 107 2.93 13.97 3.43
C LEU A 107 3.56 13.62 4.78
N THR A 108 4.34 14.55 5.32
CA THR A 108 4.90 14.42 6.66
C THR A 108 4.21 15.41 7.58
N VAL A 109 3.82 14.95 8.77
CA VAL A 109 3.17 15.79 9.77
C VAL A 109 4.20 16.13 10.85
N LEU A 110 4.64 17.38 10.88
CA LEU A 110 5.63 17.84 11.84
C LEU A 110 4.98 18.24 13.16
N GLY A 111 5.81 18.36 14.20
CA GLY A 111 5.35 18.76 15.51
C GLY A 111 4.92 17.63 16.41
N GLN A 112 5.05 16.37 15.99
CA GLN A 112 4.65 15.26 16.82
C GLN A 112 5.67 15.03 17.93
N PRO A 113 5.28 14.34 19.01
CA PRO A 113 6.21 14.17 20.13
C PRO A 113 7.29 13.15 19.79
N LYS A 114 8.52 13.47 20.20
CA LYS A 114 9.61 12.52 20.05
C LYS A 114 9.34 11.29 20.91
N SER A 115 9.88 10.15 20.47
CA SER A 115 9.71 8.91 21.19
C SER A 115 10.97 8.08 21.01
N PRO A 116 11.60 7.60 22.08
CA PRO A 116 12.81 6.80 21.94
C PRO A 116 12.47 5.37 21.57
N PRO A 117 13.38 4.66 20.90
CA PRO A 117 13.10 3.28 20.51
C PRO A 117 13.26 2.31 21.66
N SER A 118 12.32 1.36 21.75
CA SER A 118 12.49 0.18 22.59
C SER A 118 13.12 -0.91 21.74
N VAL A 119 14.15 -1.55 22.29
CA VAL A 119 15.00 -2.47 21.54
C VAL A 119 14.95 -3.85 22.19
N THR A 120 14.76 -4.88 21.37
CA THR A 120 14.82 -6.26 21.82
C THR A 120 15.77 -7.03 20.92
N LEU A 121 16.76 -7.69 21.53
CA LEU A 121 17.76 -8.47 20.81
C LEU A 121 17.49 -9.95 21.07
N PHE A 122 17.33 -10.73 20.00
CA PHE A 122 17.06 -12.15 20.12
C PHE A 122 18.26 -12.97 19.68
N PRO A 123 18.64 -13.99 20.44
CA PRO A 123 19.74 -14.86 20.01
C PRO A 123 19.27 -15.87 18.99
N PRO A 124 20.19 -16.60 18.36
CA PRO A 124 19.76 -17.67 17.45
C PRO A 124 19.08 -18.81 18.20
N SER A 125 18.16 -19.46 17.51
CA SER A 125 17.44 -20.59 18.09
C SER A 125 18.24 -21.88 17.94
N THR A 126 17.85 -22.88 18.73
CA THR A 126 18.48 -24.20 18.63
C THR A 126 18.25 -24.81 17.25
N GLU A 127 17.06 -24.59 16.67
CA GLU A 127 16.75 -25.17 15.37
C GLU A 127 17.67 -24.63 14.29
N GLU A 128 18.01 -23.34 14.37
CA GLU A 128 18.90 -22.74 13.37
C GLU A 128 20.35 -23.14 13.60
N LEU A 129 20.76 -23.26 14.87
CA LEU A 129 22.14 -23.67 15.16
C LEU A 129 22.43 -25.09 14.67
N ASN A 130 21.40 -25.95 14.65
CA ASN A 130 21.58 -27.31 14.12
C ASN A 130 21.90 -27.29 12.63
N GLY A 131 21.57 -26.21 11.93
CA GLY A 131 21.90 -26.07 10.52
C GLY A 131 23.19 -25.28 10.29
N ASN A 132 24.01 -25.18 11.32
CA ASN A 132 25.32 -24.52 11.25
C ASN A 132 25.21 -23.03 10.95
N LYS A 133 24.05 -22.44 11.17
CA LYS A 133 23.82 -21.02 10.95
C LYS A 133 23.34 -20.37 12.26
N ALA A 134 23.44 -19.04 12.30
CA ALA A 134 23.06 -18.30 13.50
C ALA A 134 22.71 -16.88 13.11
N THR A 135 21.45 -16.49 13.29
CA THR A 135 20.98 -15.15 12.99
C THR A 135 20.58 -14.48 14.29
N LEU A 136 21.22 -13.36 14.59
CA LEU A 136 20.79 -12.49 15.69
C LEU A 136 19.80 -11.48 15.13
N VAL A 137 18.69 -11.28 15.84
CA VAL A 137 17.61 -10.41 15.39
C VAL A 137 17.44 -9.27 16.37
N CYS A 138 17.55 -8.04 15.88
CA CYS A 138 17.38 -6.83 16.68
C CYS A 138 16.14 -6.09 16.19
N LEU A 139 15.10 -6.06 17.03
CA LEU A 139 13.81 -5.49 16.67
C LEU A 139 13.63 -4.15 17.37
N ILE A 140 13.36 -3.11 16.58
CA ILE A 140 13.30 -1.73 17.05
C ILE A 140 11.91 -1.19 16.78
N SER A 141 11.26 -0.63 17.80
CA SER A 141 9.87 -0.22 17.68
C SER A 141 9.60 1.03 18.50
N ASP A 142 8.46 1.66 18.18
CA ASP A 142 7.89 2.76 18.97
C ASP A 142 8.86 3.95 19.06
N PHE A 143 9.29 4.43 17.91
CA PHE A 143 10.17 5.60 17.87
C PHE A 143 9.69 6.59 16.82
N TYR A 144 9.84 7.87 17.14
CA TYR A 144 9.55 8.95 16.21
C TYR A 144 10.52 10.09 16.47
N PRO A 145 11.05 10.74 15.43
CA PRO A 145 10.84 10.49 13.99
C PRO A 145 11.43 9.15 13.52
N GLY A 146 11.02 8.72 12.33
CA GLY A 146 11.42 7.42 11.82
C GLY A 146 12.80 7.42 11.20
N SER A 147 13.83 7.55 12.03
CA SER A 147 15.21 7.58 11.53
C SER A 147 16.10 7.03 12.62
N VAL A 148 16.64 5.82 12.40
CA VAL A 148 17.58 5.21 13.33
C VAL A 148 18.79 4.71 12.55
N THR A 149 19.90 4.56 13.27
CA THR A 149 21.10 3.93 12.76
C THR A 149 21.46 2.82 13.72
N VAL A 150 21.80 1.65 13.19
CA VAL A 150 22.10 0.47 13.98
C VAL A 150 23.57 0.13 13.78
N VAL A 151 24.25 -0.15 14.89
CA VAL A 151 25.63 -0.62 14.88
C VAL A 151 25.68 -1.90 15.70
N TRP A 152 26.33 -2.93 15.15
CA TRP A 152 26.53 -4.18 15.85
C TRP A 152 27.94 -4.23 16.42
N LYS A 153 28.09 -4.86 17.58
CA LYS A 153 29.38 -5.03 18.23
C LYS A 153 29.59 -6.49 18.57
N ALA A 154 30.85 -6.90 18.56
CA ALA A 154 31.28 -8.21 19.06
C ALA A 154 32.41 -7.97 20.05
N ASP A 155 32.20 -8.34 21.30
CA ASP A 155 33.17 -8.08 22.36
C ASP A 155 33.54 -6.60 22.42
N GLY A 156 32.59 -5.73 22.08
CA GLY A 156 32.78 -4.30 22.16
C GLY A 156 33.29 -3.64 20.89
N SER A 157 33.76 -4.39 19.90
CA SER A 157 34.29 -3.82 18.67
C SER A 157 33.26 -3.94 17.56
N THR A 158 33.29 -2.96 16.64
CA THR A 158 32.26 -2.83 15.63
C THR A 158 32.33 -3.96 14.61
N ILE A 159 31.19 -4.54 14.31
CA ILE A 159 31.06 -5.52 13.24
C ILE A 159 30.77 -4.78 11.94
N THR A 160 31.48 -5.15 10.88
CA THR A 160 31.35 -4.46 9.60
C THR A 160 30.88 -5.38 8.47
N ARG A 161 30.48 -6.61 8.78
CA ARG A 161 30.12 -7.57 7.75
C ARG A 161 28.85 -8.32 8.16
N ASN A 162 28.04 -8.65 7.16
CA ASN A 162 26.90 -9.54 7.31
C ASN A 162 25.80 -8.92 8.18
N VAL A 163 25.59 -7.62 8.03
CA VAL A 163 24.53 -6.90 8.72
C VAL A 163 23.54 -6.41 7.67
N GLU A 164 22.25 -6.62 7.94
CA GLU A 164 21.18 -6.11 7.08
C GLU A 164 20.13 -5.46 7.97
N THR A 165 19.66 -4.28 7.56
CA THR A 165 18.74 -3.48 8.37
C THR A 165 17.63 -2.95 7.48
N THR A 166 16.39 -3.11 7.92
CA THR A 166 15.25 -2.59 7.19
C THR A 166 15.15 -1.09 7.37
N ARG A 167 14.50 -0.44 6.43
CA ARG A 167 14.14 0.95 6.58
C ARG A 167 12.94 1.05 7.50
N ALA A 168 12.89 2.12 8.30
CA ALA A 168 11.81 2.29 9.25
C ALA A 168 10.47 2.41 8.52
N SER A 169 9.42 1.88 9.15
CA SER A 169 8.09 1.87 8.55
C SER A 169 7.04 2.02 9.65
N LYS A 170 5.84 2.43 9.22
CA LYS A 170 4.76 2.77 10.14
C LYS A 170 4.19 1.53 10.82
N GLN A 171 3.91 1.65 12.11
CA GLN A 171 3.12 0.68 12.85
C GLN A 171 1.77 1.31 13.19
N SER A 172 0.94 0.55 13.91
CA SER A 172 -0.45 0.94 14.08
C SER A 172 -0.60 2.29 14.78
N ASN A 173 0.33 2.64 15.66
CA ASN A 173 0.22 3.86 16.45
C ASN A 173 0.90 5.06 15.80
N SER A 174 1.04 5.05 14.47
CA SER A 174 1.61 6.14 13.68
C SER A 174 3.10 6.36 13.92
N LYS A 175 3.74 5.59 14.81
CA LYS A 175 5.18 5.69 15.01
C LYS A 175 5.88 4.72 14.06
N TYR A 176 7.19 4.57 14.21
CA TYR A 176 8.00 3.79 13.29
C TYR A 176 8.61 2.58 13.99
N ALA A 177 8.91 1.55 13.20
CA ALA A 177 9.58 0.36 13.66
C ALA A 177 10.62 -0.05 12.63
N ALA A 178 11.60 -0.82 13.07
CA ALA A 178 12.65 -1.31 12.18
C ALA A 178 13.24 -2.57 12.79
N SER A 179 14.03 -3.27 11.97
CA SER A 179 14.69 -4.49 12.40
C SER A 179 16.06 -4.58 11.76
N SER A 180 16.96 -5.30 12.42
CA SER A 180 18.32 -5.48 11.95
C SER A 180 18.74 -6.92 12.22
N TYR A 181 19.51 -7.48 11.29
CA TYR A 181 19.87 -8.89 11.30
C TYR A 181 21.38 -9.05 11.19
N LEU A 182 21.96 -9.86 12.06
CA LEU A 182 23.37 -10.21 12.01
C LEU A 182 23.47 -11.69 11.69
N SER A 183 23.98 -12.01 10.51
CA SER A 183 24.03 -13.40 10.03
C SER A 183 25.41 -13.96 10.33
N LEU A 184 25.46 -14.90 11.27
CA LEU A 184 26.70 -15.56 11.67
C LEU A 184 26.61 -17.05 11.42
N THR A 185 27.74 -17.73 11.58
CA THR A 185 27.78 -19.18 11.61
C THR A 185 27.72 -19.65 13.06
N SER A 186 27.45 -20.94 13.24
CA SER A 186 27.43 -21.52 14.58
C SER A 186 28.74 -21.25 15.30
N SER A 187 29.86 -21.33 14.59
CA SER A 187 31.16 -21.18 15.23
C SER A 187 31.36 -19.76 15.76
N ASP A 188 30.99 -18.75 14.97
CA ASP A 188 31.17 -17.38 15.40
C ASP A 188 30.33 -17.09 16.64
N TRP A 189 29.08 -17.51 16.64
CA TRP A 189 28.20 -17.26 17.78
C TRP A 189 28.78 -17.86 19.06
N LYS A 190 29.34 -19.07 18.97
CA LYS A 190 29.93 -19.70 20.14
C LYS A 190 31.27 -19.07 20.52
N SER A 191 31.95 -18.47 19.55
CA SER A 191 33.30 -17.95 19.79
C SER A 191 33.28 -16.71 20.67
N LYS A 192 32.70 -15.62 20.17
CA LYS A 192 32.76 -14.34 20.86
C LYS A 192 32.11 -14.42 22.23
N GLY A 193 32.52 -13.51 23.11
CA GLY A 193 31.97 -13.45 24.45
C GLY A 193 30.64 -12.72 24.55
N SER A 194 30.34 -11.84 23.60
CA SER A 194 29.07 -11.13 23.61
C SER A 194 28.84 -10.50 22.26
N TYR A 195 27.58 -10.17 22.00
CA TYR A 195 27.15 -9.42 20.83
C TYR A 195 26.18 -8.33 21.26
N SER A 196 26.26 -7.17 20.61
CA SER A 196 25.44 -6.03 21.00
C SER A 196 24.81 -5.37 19.78
N CYS A 197 23.56 -4.94 19.94
CA CYS A 197 22.84 -4.14 18.96
C CYS A 197 22.76 -2.72 19.52
N GLU A 198 23.41 -1.78 18.83
CA GLU A 198 23.51 -0.39 19.27
C GLU A 198 22.65 0.49 18.37
N VAL A 199 21.57 1.04 18.91
CA VAL A 199 20.57 1.77 18.13
C VAL A 199 20.60 3.23 18.54
N THR A 200 20.97 4.10 17.61
CA THR A 200 21.03 5.54 17.84
C THR A 200 19.80 6.19 17.23
N HIS A 201 19.16 7.05 18.01
CA HIS A 201 17.96 7.76 17.58
C HIS A 201 18.03 9.18 18.13
N GLU A 202 18.17 10.16 17.24
CA GLU A 202 18.20 11.56 17.63
C GLU A 202 19.33 11.82 18.64
N GLY A 203 20.53 11.33 18.30
CA GLY A 203 21.72 11.58 19.09
C GLY A 203 21.90 10.69 20.30
N SER A 204 20.85 10.00 20.75
CA SER A 204 20.92 9.13 21.91
C SER A 204 20.90 7.67 21.47
N THR A 205 21.54 6.81 22.27
CA THR A 205 21.79 5.43 21.88
C THR A 205 21.28 4.46 22.93
N VAL A 206 20.69 3.36 22.48
CA VAL A 206 20.25 2.27 23.33
C VAL A 206 20.95 1.00 22.84
N THR A 207 21.61 0.30 23.77
CA THR A 207 22.38 -0.89 23.45
C THR A 207 21.85 -2.07 24.24
N LYS A 208 21.54 -3.15 23.55
CA LYS A 208 21.23 -4.43 24.16
C LYS A 208 22.34 -5.41 23.83
N THR A 209 22.68 -6.26 24.79
CA THR A 209 23.78 -7.19 24.67
C THR A 209 23.29 -8.61 24.92
N VAL A 210 23.87 -9.55 24.20
CA VAL A 210 23.52 -10.97 24.32
C VAL A 210 24.80 -11.75 24.59
N LYS A 211 24.71 -12.70 25.52
CA LYS A 211 25.86 -13.50 25.93
C LYS A 211 25.71 -14.92 25.43
N PRO A 212 26.52 -15.38 24.46
CA PRO A 212 26.33 -16.76 23.96
C PRO A 212 26.39 -17.81 25.05
N SER A 213 27.23 -17.60 26.07
CA SER A 213 27.38 -18.59 27.13
C SER A 213 26.13 -18.70 27.98
N GLU A 214 25.35 -17.63 28.07
CA GLU A 214 24.29 -17.56 29.08
C GLU A 214 22.89 -17.48 28.44
N CYS A 215 22.60 -18.39 27.52
CA CYS A 215 21.29 -18.41 26.86
C CYS A 215 20.64 -19.78 26.96
N GLN B 1 -22.15 -5.07 2.28
CA GLN B 1 -20.93 -5.95 2.22
C GLN B 1 -20.50 -6.18 0.78
N VAL B 2 -20.14 -5.10 0.09
CA VAL B 2 -19.55 -5.19 -1.24
C VAL B 2 -18.11 -5.65 -1.08
N GLN B 3 -17.75 -6.73 -1.78
CA GLN B 3 -16.44 -7.35 -1.63
C GLN B 3 -15.81 -7.54 -3.01
N LEU B 4 -14.48 -7.44 -3.04
CA LEU B 4 -13.69 -7.63 -4.25
C LEU B 4 -12.46 -8.43 -3.86
N ARG B 5 -12.41 -9.69 -4.26
CA ARG B 5 -11.32 -10.60 -3.89
C ARG B 5 -10.51 -10.96 -5.13
N GLU B 6 -9.27 -10.50 -5.18
CA GLU B 6 -8.37 -10.89 -6.25
C GLU B 6 -7.81 -12.28 -5.98
N SER B 7 -7.57 -13.02 -7.06
CA SER B 7 -6.97 -14.35 -6.95
C SER B 7 -6.09 -14.59 -8.16
N GLY B 8 -5.03 -15.37 -7.95
CA GLY B 8 -4.10 -15.68 -9.00
C GLY B 8 -2.72 -15.97 -8.46
N PRO B 9 -1.79 -16.30 -9.36
CA PRO B 9 -0.45 -16.69 -8.91
C PRO B 9 0.33 -15.50 -8.38
N SER B 10 1.03 -15.71 -7.27
CA SER B 10 1.90 -14.66 -6.75
C SER B 10 3.27 -14.66 -7.40
N LEU B 11 3.59 -15.66 -8.22
CA LEU B 11 4.88 -15.74 -8.91
C LEU B 11 4.65 -16.16 -10.34
N VAL B 12 5.22 -15.40 -11.28
CA VAL B 12 5.12 -15.69 -12.71
C VAL B 12 6.49 -15.52 -13.33
N LYS B 13 6.80 -16.37 -14.30
CA LYS B 13 8.09 -16.28 -14.97
C LYS B 13 8.05 -15.22 -16.07
N PRO B 14 9.20 -14.62 -16.39
CA PRO B 14 9.23 -13.60 -17.44
C PRO B 14 8.80 -14.17 -18.79
N SER B 15 8.18 -13.29 -19.59
CA SER B 15 7.69 -13.60 -20.94
C SER B 15 6.47 -14.50 -20.94
N GLN B 16 5.92 -14.82 -19.77
CA GLN B 16 4.68 -15.57 -19.70
C GLN B 16 3.49 -14.60 -19.57
N THR B 17 2.29 -15.16 -19.55
CA THR B 17 1.07 -14.38 -19.37
C THR B 17 0.69 -14.39 -17.89
N LEU B 18 0.43 -13.21 -17.34
CA LEU B 18 -0.10 -13.08 -15.99
C LEU B 18 -1.62 -13.05 -16.09
N SER B 19 -2.28 -13.99 -15.40
CA SER B 19 -3.74 -14.11 -15.43
C SER B 19 -4.28 -14.02 -14.01
N LEU B 20 -5.10 -13.01 -13.76
CA LEU B 20 -5.70 -12.79 -12.45
C LEU B 20 -7.22 -12.79 -12.59
N THR B 21 -7.89 -13.13 -11.49
CA THR B 21 -9.33 -13.14 -11.43
C THR B 21 -9.81 -12.31 -10.24
N CYS B 22 -10.91 -11.61 -10.43
CA CYS B 22 -11.57 -10.86 -9.37
C CYS B 22 -12.98 -11.41 -9.21
N THR B 23 -13.30 -11.88 -8.02
CA THR B 23 -14.63 -12.40 -7.70
C THR B 23 -15.40 -11.32 -6.96
N ALA B 24 -16.51 -10.89 -7.54
CA ALA B 24 -17.37 -9.89 -6.94
C ALA B 24 -18.47 -10.56 -6.14
N SER B 25 -18.83 -9.95 -5.02
CA SER B 25 -19.94 -10.43 -4.21
C SER B 25 -20.58 -9.24 -3.49
N GLY B 26 -21.89 -9.35 -3.26
CA GLY B 26 -22.64 -8.25 -2.71
C GLY B 26 -23.11 -7.23 -3.73
N PHE B 27 -22.81 -7.43 -5.00
CA PHE B 27 -23.27 -6.55 -6.06
C PHE B 27 -23.11 -7.28 -7.39
N SER B 28 -23.87 -6.83 -8.37
CA SER B 28 -23.89 -7.46 -9.69
C SER B 28 -23.01 -6.69 -10.66
N LEU B 29 -22.30 -7.43 -11.53
CA LEU B 29 -21.50 -6.80 -12.57
C LEU B 29 -22.35 -6.21 -13.69
N SER B 30 -23.65 -6.53 -13.74
CA SER B 30 -24.54 -5.86 -14.69
C SER B 30 -24.94 -4.47 -14.23
N ASP B 31 -24.59 -4.08 -13.00
CA ASP B 31 -24.90 -2.76 -12.47
C ASP B 31 -23.68 -1.92 -12.15
N LYS B 32 -22.48 -2.50 -12.10
CA LYS B 32 -21.28 -1.78 -11.71
C LYS B 32 -20.15 -2.09 -12.69
N ALA B 33 -19.44 -1.05 -13.11
CA ALA B 33 -18.24 -1.23 -13.91
C ALA B 33 -17.07 -1.52 -12.97
N VAL B 34 -16.17 -2.39 -13.42
CA VAL B 34 -15.01 -2.74 -12.62
C VAL B 34 -13.75 -2.65 -13.47
N GLY B 35 -12.65 -2.28 -12.81
CA GLY B 35 -11.39 -2.12 -13.50
C GLY B 35 -10.24 -2.58 -12.62
N TRP B 36 -9.07 -2.59 -13.24
CA TRP B 36 -7.85 -3.03 -12.59
C TRP B 36 -6.88 -1.87 -12.46
N VAL B 37 -6.27 -1.77 -11.29
CA VAL B 37 -5.18 -0.83 -11.03
C VAL B 37 -4.02 -1.61 -10.45
N ARG B 38 -2.80 -1.14 -10.70
CA ARG B 38 -1.64 -1.78 -10.12
C ARG B 38 -0.69 -0.72 -9.59
N GLN B 39 0.15 -1.15 -8.65
CA GLN B 39 1.23 -0.31 -8.14
C GLN B 39 2.47 -1.18 -8.00
N ALA B 40 3.46 -0.94 -8.85
CA ALA B 40 4.73 -1.62 -8.73
C ALA B 40 5.49 -1.09 -7.51
N PRO B 41 6.42 -1.86 -6.96
CA PRO B 41 7.21 -1.35 -5.84
C PRO B 41 7.85 0.00 -6.18
N GLU B 42 7.72 0.95 -5.26
CA GLU B 42 8.39 2.25 -5.34
C GLU B 42 7.87 3.13 -6.47
N LYS B 43 6.77 2.76 -7.11
CA LYS B 43 6.21 3.51 -8.23
C LYS B 43 4.82 4.01 -7.89
N ALA B 44 4.28 4.83 -8.79
CA ALA B 44 2.94 5.39 -8.63
C ALA B 44 1.87 4.38 -9.08
N LEU B 45 0.63 4.67 -8.70
CA LEU B 45 -0.51 3.91 -9.18
C LEU B 45 -0.61 3.99 -10.70
N GLU B 46 -1.00 2.89 -11.32
CA GLU B 46 -1.09 2.81 -12.78
C GLU B 46 -2.41 2.18 -13.17
N TRP B 47 -3.17 2.88 -14.00
CA TRP B 47 -4.42 2.35 -14.52
C TRP B 47 -4.14 1.30 -15.59
N LEU B 48 -4.90 0.21 -15.57
CA LEU B 48 -4.79 -0.85 -16.56
C LEU B 48 -6.00 -0.86 -17.51
N GLY B 49 -7.20 -1.03 -16.99
CA GLY B 49 -8.38 -1.03 -17.82
C GLY B 49 -9.60 -1.44 -17.03
N SER B 50 -10.74 -1.39 -17.70
CA SER B 50 -12.00 -1.72 -17.06
C SER B 50 -12.93 -2.38 -18.08
N ILE B 51 -14.04 -2.88 -17.57
CA ILE B 51 -15.14 -3.39 -18.40
C ILE B 51 -16.44 -2.95 -17.74
N ASP B 52 -17.30 -2.31 -18.50
CA ASP B 52 -18.48 -1.67 -17.93
C ASP B 52 -19.70 -2.59 -18.01
N THR B 53 -20.83 -2.10 -17.50
CA THR B 53 -22.04 -2.91 -17.43
C THR B 53 -22.46 -3.40 -18.81
N SER B 54 -22.28 -2.56 -19.84
CA SER B 54 -22.60 -2.97 -21.20
C SER B 54 -21.63 -4.00 -21.75
N GLY B 55 -20.49 -4.23 -21.09
CA GLY B 55 -19.49 -5.15 -21.57
C GLY B 55 -18.41 -4.54 -22.43
N THR B 56 -18.31 -3.21 -22.47
CA THR B 56 -17.31 -2.53 -23.28
C THR B 56 -16.03 -2.39 -22.48
N THR B 57 -14.93 -2.87 -23.05
CA THR B 57 -13.62 -2.78 -22.41
C THR B 57 -12.94 -1.47 -22.78
N GLY B 58 -12.15 -0.96 -21.85
CA GLY B 58 -11.33 0.22 -22.07
C GLY B 58 -10.01 0.08 -21.35
N TYR B 59 -8.92 0.49 -21.98
CA TYR B 59 -7.58 0.18 -21.47
C TYR B 59 -6.72 1.43 -21.43
N ASN B 60 -5.70 1.37 -20.57
CA ASN B 60 -4.60 2.32 -20.62
C ASN B 60 -4.04 2.37 -22.03
N SER B 61 -4.13 3.55 -22.66
CA SER B 61 -3.77 3.66 -24.07
C SER B 61 -2.36 3.17 -24.36
N GLY B 62 -1.45 3.32 -23.39
CA GLY B 62 -0.08 2.90 -23.58
C GLY B 62 0.21 1.45 -23.27
N LEU B 63 -0.79 0.70 -22.81
CA LEU B 63 -0.63 -0.71 -22.47
C LEU B 63 -1.66 -1.61 -23.14
N LYS B 64 -2.59 -1.05 -23.90
CA LYS B 64 -3.74 -1.84 -24.37
C LYS B 64 -3.30 -3.09 -25.12
N SER B 65 -2.30 -2.98 -25.99
CA SER B 65 -1.90 -4.12 -26.81
C SER B 65 -1.42 -5.30 -25.97
N ARG B 66 -1.12 -5.11 -24.69
CA ARG B 66 -0.69 -6.19 -23.81
C ARG B 66 -1.79 -6.67 -22.87
N LEU B 67 -2.91 -5.99 -22.81
CA LEU B 67 -3.93 -6.24 -21.80
C LEU B 67 -5.17 -6.86 -22.42
N SER B 68 -5.89 -7.64 -21.61
CA SER B 68 -7.16 -8.22 -22.01
C SER B 68 -8.01 -8.42 -20.76
N ILE B 69 -9.24 -7.91 -20.80
CA ILE B 69 -10.17 -8.00 -19.68
C ILE B 69 -11.47 -8.57 -20.20
N ILE B 70 -12.03 -9.53 -19.46
CA ILE B 70 -13.32 -10.15 -19.80
C ILE B 70 -14.00 -10.53 -18.50
N LYS B 71 -15.33 -10.63 -18.54
CA LYS B 71 -16.10 -10.93 -17.34
C LYS B 71 -17.15 -11.99 -17.64
N ASP B 72 -17.69 -12.56 -16.58
CA ASP B 72 -18.77 -13.54 -16.63
C ASP B 72 -19.82 -13.10 -15.61
N ASN B 73 -20.89 -12.47 -16.08
CA ASN B 73 -21.88 -11.91 -15.17
C ASN B 73 -22.46 -12.97 -14.26
N SER B 74 -22.80 -14.15 -14.81
CA SER B 74 -23.42 -15.20 -14.00
C SER B 74 -22.51 -15.63 -12.86
N LYS B 75 -21.22 -15.81 -13.14
CA LYS B 75 -20.26 -16.11 -12.09
C LYS B 75 -19.82 -14.89 -11.31
N SER B 76 -20.14 -13.69 -11.79
CA SER B 76 -19.71 -12.45 -11.14
C SER B 76 -18.20 -12.41 -10.99
N GLN B 77 -17.49 -12.87 -12.01
CA GLN B 77 -16.03 -12.88 -12.03
C GLN B 77 -15.53 -12.05 -13.19
N VAL B 78 -14.39 -11.40 -12.97
CA VAL B 78 -13.72 -10.61 -14.00
C VAL B 78 -12.26 -11.02 -13.99
N SER B 79 -11.68 -11.17 -15.18
CA SER B 79 -10.32 -11.64 -15.33
C SER B 79 -9.46 -10.57 -15.96
N LEU B 80 -8.18 -10.60 -15.63
CA LEU B 80 -7.17 -9.73 -16.22
C LEU B 80 -6.08 -10.60 -16.82
N SER B 81 -5.57 -10.19 -17.98
CA SER B 81 -4.49 -10.89 -18.65
CA SER B 81 -4.50 -10.89 -18.67
C SER B 81 -3.46 -9.87 -19.10
N VAL B 82 -2.20 -10.09 -18.71
CA VAL B 82 -1.08 -9.29 -19.14
C VAL B 82 -0.09 -10.22 -19.81
N SER B 83 0.18 -9.98 -21.09
CA SER B 83 1.01 -10.88 -21.88
C SER B 83 2.48 -10.45 -21.81
N SER B 84 3.36 -11.44 -21.95
CA SER B 84 4.81 -11.23 -22.06
C SER B 84 5.32 -10.31 -20.95
N VAL B 85 5.08 -10.73 -19.70
CA VAL B 85 5.47 -9.91 -18.55
C VAL B 85 6.98 -9.90 -18.40
N THR B 86 7.49 -8.79 -17.88
CA THR B 86 8.87 -8.64 -17.43
C THR B 86 8.87 -8.24 -15.95
N THR B 87 10.06 -8.04 -15.40
CA THR B 87 10.16 -7.66 -14.00
C THR B 87 9.46 -6.34 -13.70
N GLU B 88 9.23 -5.50 -14.72
CA GLU B 88 8.48 -4.27 -14.52
C GLU B 88 6.99 -4.50 -14.30
N ASP B 89 6.49 -5.71 -14.52
CA ASP B 89 5.10 -6.02 -14.23
C ASP B 89 4.91 -6.59 -12.83
N SER B 90 5.99 -6.72 -12.05
CA SER B 90 5.84 -7.03 -10.64
C SER B 90 5.14 -5.87 -9.95
N ALA B 91 4.05 -6.17 -9.24
CA ALA B 91 3.24 -5.12 -8.64
C ALA B 91 2.14 -5.76 -7.81
N THR B 92 1.50 -4.93 -6.99
CA THR B 92 0.24 -5.29 -6.37
C THR B 92 -0.88 -4.90 -7.33
N TYR B 93 -1.73 -5.86 -7.65
CA TYR B 93 -2.83 -5.66 -8.59
C TYR B 93 -4.13 -5.55 -7.80
N TYR B 94 -4.85 -4.46 -8.01
CA TYR B 94 -6.09 -4.17 -7.30
C TYR B 94 -7.26 -4.31 -8.24
N CYS B 95 -8.26 -5.08 -7.83
CA CYS B 95 -9.57 -5.05 -8.46
C CYS B 95 -10.37 -3.89 -7.88
N THR B 96 -11.15 -3.22 -8.73
CA THR B 96 -11.86 -2.03 -8.29
C THR B 96 -13.22 -1.92 -8.98
N ILE B 97 -14.13 -1.21 -8.32
CA ILE B 97 -15.34 -0.71 -8.93
C ILE B 97 -15.09 0.74 -9.34
N VAL B 98 -15.29 1.05 -10.61
CA VAL B 98 -15.01 2.38 -11.15
C VAL B 98 -16.31 3.01 -11.62
N HIS B 99 -16.42 4.32 -11.40
CA HIS B 99 -17.47 5.12 -12.00
C HIS B 99 -16.98 5.66 -13.34
N GLN B 100 -17.79 5.48 -14.38
CA GLN B 100 -17.43 5.89 -15.73
C GLN B 100 -18.67 6.45 -16.40
N GLU B 101 -18.58 7.69 -16.88
CA GLU B 101 -19.67 8.29 -17.63
C GLU B 101 -19.09 9.34 -18.56
N THR B 102 -19.68 9.47 -19.75
CA THR B 102 -19.31 10.50 -20.71
C THR B 102 -20.26 11.67 -20.55
N SER B 103 -19.70 12.85 -20.27
CA SER B 103 -20.47 14.06 -20.00
C SER B 103 -20.18 15.10 -21.08
N ARG B 104 -20.74 16.31 -20.88
CA ARG B 104 -20.56 17.43 -21.80
C ARG B 104 -20.55 18.73 -20.99
N ARG B 105 -19.41 18.98 -20.34
CA ARG B 105 -19.21 20.22 -19.60
C ARG B 105 -18.72 21.31 -20.54
N GLY B 106 -19.37 22.47 -20.49
CA GLY B 106 -18.94 23.61 -21.24
C GLY B 106 -17.94 24.44 -20.46
N PRO B 107 -17.70 25.68 -20.89
CA PRO B 107 -16.83 26.55 -20.10
C PRO B 107 -17.31 26.66 -18.67
N ASP B 108 -16.37 27.00 -17.77
CA ASP B 108 -16.70 27.09 -16.36
C ASP B 108 -17.77 28.15 -16.14
N GLY B 109 -18.88 27.76 -15.50
CA GLY B 109 -20.03 28.61 -15.31
C GLY B 109 -21.26 28.18 -16.09
N TYR B 110 -21.08 27.43 -17.17
CA TYR B 110 -22.17 26.91 -17.98
C TYR B 110 -22.34 25.43 -17.62
N SER B 111 -23.16 25.18 -16.60
CA SER B 111 -23.33 23.83 -16.07
C SER B 111 -24.40 23.03 -16.79
N TRP B 112 -25.52 23.66 -17.13
CA TRP B 112 -26.68 22.96 -17.66
C TRP B 112 -26.57 22.77 -19.16
N ILE B 113 -27.18 21.69 -19.64
CA ILE B 113 -27.18 21.31 -21.05
C ILE B 113 -28.57 21.60 -21.61
N CYS B 114 -28.62 22.25 -22.77
CA CYS B 114 -29.88 22.63 -23.39
CA CYS B 114 -29.87 22.70 -23.39
C CYS B 114 -29.78 22.33 -24.88
N GLU B 115 -30.45 21.26 -25.30
CA GLU B 115 -30.48 20.82 -26.70
C GLU B 115 -31.84 21.17 -27.28
N CYS B 116 -31.87 22.17 -28.16
CA CYS B 116 -33.09 22.65 -28.78
C CYS B 116 -33.16 22.14 -30.22
N SER B 117 -34.11 22.69 -30.99
CA SER B 117 -34.21 22.36 -32.41
C SER B 117 -33.05 22.95 -33.21
N SER B 118 -32.37 23.96 -32.67
CA SER B 118 -31.27 24.62 -33.36
C SER B 118 -29.91 24.03 -33.03
N GLY B 119 -29.85 23.01 -32.18
CA GLY B 119 -28.62 22.34 -31.83
C GLY B 119 -28.47 22.19 -30.33
N THR B 120 -27.24 21.91 -29.90
CA THR B 120 -26.93 21.66 -28.51
C THR B 120 -26.15 22.84 -27.95
N TYR B 121 -26.63 23.38 -26.82
CA TYR B 121 -25.99 24.50 -26.15
C TYR B 121 -25.75 24.15 -24.69
N THR B 122 -24.63 24.62 -24.17
CA THR B 122 -24.39 24.62 -22.72
C THR B 122 -24.82 25.97 -22.17
N CYS B 123 -25.69 25.95 -21.18
CA CYS B 123 -26.30 27.17 -20.69
CA CYS B 123 -26.42 27.10 -20.65
C CYS B 123 -25.98 27.38 -19.22
N ASP B 124 -26.09 28.64 -18.80
CA ASP B 124 -25.77 29.03 -17.43
C ASP B 124 -26.97 28.95 -16.50
N ALA B 125 -28.17 29.09 -17.04
CA ALA B 125 -29.40 28.96 -16.27
C ALA B 125 -30.05 27.61 -16.54
N ASP B 126 -30.83 27.14 -15.57
CA ASP B 126 -31.43 25.81 -15.62
C ASP B 126 -32.85 25.84 -16.18
N ASN B 127 -33.14 26.77 -17.08
CA ASN B 127 -34.42 26.83 -17.77
C ASN B 127 -34.18 26.62 -19.26
N CYS B 128 -34.87 25.64 -19.83
CA CYS B 128 -34.69 25.30 -21.24
C CYS B 128 -36.04 25.01 -21.90
N GLY B 129 -36.97 25.98 -21.90
CA GLY B 129 -36.83 27.27 -21.25
C GLY B 129 -37.14 28.47 -22.14
N ASN B 130 -36.92 29.67 -21.59
CA ASN B 130 -36.99 30.89 -22.38
C ASN B 130 -35.87 30.96 -23.41
N LEU B 131 -34.84 30.12 -23.27
CA LEU B 131 -33.66 30.23 -24.10
C LEU B 131 -33.86 29.57 -25.46
N CYS B 132 -34.42 28.36 -25.48
CA CYS B 132 -34.55 27.62 -26.73
C CYS B 132 -35.23 28.41 -27.84
N PRO B 133 -36.41 29.02 -27.63
CA PRO B 133 -37.03 29.75 -28.74
C PRO B 133 -36.22 30.95 -29.21
N SER B 134 -35.63 31.69 -28.29
CA SER B 134 -35.00 32.97 -28.62
C SER B 134 -33.60 32.77 -29.18
N ASP B 135 -33.29 33.50 -30.24
CA ASP B 135 -31.94 33.53 -30.79
C ASP B 135 -31.03 34.43 -29.96
N TRP B 136 -31.59 35.48 -29.36
CA TRP B 136 -30.79 36.44 -28.60
C TRP B 136 -30.46 35.92 -27.21
N GLN B 137 -31.35 35.13 -26.61
CA GLN B 137 -31.09 34.60 -25.27
C GLN B 137 -29.99 33.53 -25.31
N LEU B 138 -29.94 32.73 -26.37
CA LEU B 138 -28.94 31.68 -26.47
C LEU B 138 -27.54 32.28 -26.53
N THR B 139 -27.30 33.20 -27.47
CA THR B 139 -26.01 33.86 -27.56
C THR B 139 -25.66 34.63 -26.29
N LEU B 140 -26.67 35.01 -25.50
CA LEU B 140 -26.43 35.69 -24.23
C LEU B 140 -25.99 34.71 -23.15
N HIS B 141 -26.83 33.71 -22.88
CA HIS B 141 -26.68 32.86 -21.70
C HIS B 141 -26.10 31.48 -22.02
N CYS B 142 -25.76 31.19 -23.27
CA CYS B 142 -25.36 29.84 -23.64
C CYS B 142 -24.20 29.89 -24.62
N HIS B 143 -23.40 28.82 -24.59
CA HIS B 143 -22.36 28.57 -25.57
C HIS B 143 -22.78 27.39 -26.44
N ARG B 144 -22.72 27.57 -27.76
CA ARG B 144 -23.08 26.50 -28.67
C ARG B 144 -22.02 25.40 -28.60
N LEU B 145 -22.45 24.17 -28.31
CA LEU B 145 -21.53 23.07 -28.07
C LEU B 145 -21.27 22.35 -29.38
N ASP B 146 -20.00 22.27 -29.77
CA ASP B 146 -19.62 21.60 -31.00
C ASP B 146 -19.78 20.08 -30.85
N SER B 147 -19.93 19.41 -31.99
CA SER B 147 -20.25 17.98 -31.99
C SER B 147 -19.16 17.17 -31.31
N SER B 148 -17.90 17.58 -31.48
CA SER B 148 -16.78 16.78 -30.97
C SER B 148 -16.57 16.96 -29.46
N THR B 149 -16.93 18.12 -28.92
CA THR B 149 -16.63 18.42 -27.52
C THR B 149 -17.31 17.45 -26.57
N TYR B 150 -16.52 16.58 -25.94
CA TYR B 150 -17.00 15.67 -24.91
C TYR B 150 -16.04 15.69 -23.74
N THR B 151 -16.58 15.46 -22.54
CA THR B 151 -15.78 15.39 -21.32
C THR B 151 -15.99 14.03 -20.67
N TYR B 152 -15.01 13.62 -19.86
CA TYR B 152 -14.96 12.27 -19.34
C TYR B 152 -14.78 12.30 -17.83
N ASP B 153 -15.58 11.49 -17.13
CA ASP B 153 -15.56 11.39 -15.68
C ASP B 153 -15.16 9.98 -15.28
N TRP B 154 -14.14 9.88 -14.42
CA TRP B 154 -13.64 8.60 -13.95
C TRP B 154 -13.18 8.75 -12.51
N HIS B 155 -13.51 7.77 -11.68
CA HIS B 155 -12.93 7.65 -10.35
C HIS B 155 -13.20 6.26 -9.82
N VAL B 156 -12.42 5.85 -8.82
CA VAL B 156 -12.56 4.55 -8.19
C VAL B 156 -13.53 4.68 -7.02
N GLU B 157 -14.60 3.88 -7.04
CA GLU B 157 -15.57 3.88 -5.95
C GLU B 157 -15.11 2.98 -4.81
N THR B 158 -14.69 1.76 -5.12
CA THR B 158 -14.34 0.77 -4.11
C THR B 158 -13.06 0.06 -4.52
N TRP B 159 -12.17 -0.14 -3.56
CA TRP B 159 -10.88 -0.76 -3.78
C TRP B 159 -10.84 -2.17 -3.20
N GLY B 160 -10.28 -3.10 -3.96
CA GLY B 160 -9.94 -4.39 -3.41
C GLY B 160 -8.71 -4.32 -2.51
N GLN B 161 -8.44 -5.44 -1.82
CA GLN B 161 -7.28 -5.49 -0.94
C GLN B 161 -5.97 -5.63 -1.71
N GLY B 162 -6.02 -6.10 -2.96
CA GLY B 162 -4.83 -6.19 -3.77
C GLY B 162 -4.13 -7.53 -3.63
N LEU B 163 -3.57 -8.00 -4.74
CA LEU B 163 -2.80 -9.24 -4.77
C LEU B 163 -1.41 -8.92 -5.31
N ARG B 164 -0.38 -9.27 -4.53
CA ARG B 164 0.99 -8.99 -4.95
C ARG B 164 1.50 -10.07 -5.87
N VAL B 165 2.01 -9.65 -7.03
CA VAL B 165 2.54 -10.56 -8.05
C VAL B 165 4.00 -10.20 -8.27
N THR B 166 4.87 -11.21 -8.26
CA THR B 166 6.28 -11.05 -8.55
C THR B 166 6.60 -11.77 -9.85
N VAL B 167 7.27 -11.07 -10.76
CA VAL B 167 7.77 -11.66 -12.00
C VAL B 167 9.24 -11.99 -11.79
N SER B 168 9.56 -13.29 -11.78
CA SER B 168 10.92 -13.73 -11.55
C SER B 168 11.13 -15.10 -12.19
N SER B 169 12.33 -15.32 -12.71
CA SER B 169 12.72 -16.65 -13.17
C SER B 169 13.21 -17.55 -12.05
N ALA B 170 13.33 -17.03 -10.83
CA ALA B 170 13.81 -17.81 -9.71
C ALA B 170 12.74 -18.76 -9.20
N SER B 171 13.18 -19.88 -8.64
CA SER B 171 12.27 -20.85 -8.06
C SER B 171 11.81 -20.37 -6.68
N THR B 172 10.70 -20.94 -6.24
CA THR B 172 10.18 -20.62 -4.91
C THR B 172 11.01 -21.30 -3.84
N THR B 173 10.94 -20.73 -2.64
CA THR B 173 11.58 -21.31 -1.47
C THR B 173 10.63 -21.13 -0.29
N ALA B 174 10.19 -22.24 0.29
CA ALA B 174 9.33 -22.15 1.45
C ALA B 174 10.14 -21.66 2.66
N PRO B 175 9.54 -20.87 3.54
CA PRO B 175 10.30 -20.34 4.68
C PRO B 175 10.61 -21.44 5.69
N LYS B 176 11.73 -21.25 6.39
CA LYS B 176 12.03 -21.96 7.61
C LYS B 176 11.69 -21.05 8.78
N VAL B 177 10.82 -21.50 9.67
CA VAL B 177 10.32 -20.68 10.77
C VAL B 177 11.05 -21.08 12.04
N TYR B 178 11.75 -20.12 12.64
CA TYR B 178 12.50 -20.33 13.87
C TYR B 178 11.88 -19.55 15.02
N PRO B 179 11.78 -20.13 16.21
CA PRO B 179 11.24 -19.38 17.35
C PRO B 179 12.25 -18.37 17.88
N LEU B 180 11.75 -17.18 18.21
CA LEU B 180 12.56 -16.13 18.82
C LEU B 180 12.25 -16.09 20.31
N SER B 181 13.29 -16.23 21.13
CA SER B 181 13.14 -16.19 22.59
C SER B 181 14.40 -15.59 23.17
N SER B 182 14.23 -14.64 24.10
CA SER B 182 15.36 -14.00 24.74
C SER B 182 16.14 -15.00 25.57
N CYS B 183 17.39 -14.64 25.88
CA CYS B 183 18.26 -15.54 26.62
C CYS B 183 17.80 -15.66 28.06
N CYS B 184 18.29 -16.71 28.72
CA CYS B 184 18.02 -16.90 30.14
C CYS B 184 18.82 -15.91 30.97
N GLY B 185 18.15 -15.33 31.96
CA GLY B 185 18.64 -14.16 32.66
C GLY B 185 17.91 -12.89 32.27
N ASP B 186 17.22 -12.90 31.13
CA ASP B 186 16.31 -11.84 30.74
C ASP B 186 14.86 -12.22 30.94
N LYS B 187 14.60 -13.27 31.74
CA LYS B 187 13.24 -13.72 31.98
C LYS B 187 12.48 -12.74 32.86
N SER B 188 13.17 -12.00 33.71
CA SER B 188 12.55 -10.91 34.45
C SER B 188 11.94 -9.93 33.44
N SER B 189 10.64 -9.68 33.58
CA SER B 189 9.90 -9.09 32.48
C SER B 189 9.78 -7.54 32.62
N SER B 190 8.69 -6.87 33.04
CA SER B 190 7.41 -7.39 33.51
C SER B 190 6.49 -7.76 32.35
N THR B 191 6.89 -7.42 31.13
CA THR B 191 6.26 -7.91 29.92
C THR B 191 7.25 -8.82 29.19
N VAL B 192 6.78 -9.99 28.76
CA VAL B 192 7.62 -10.97 28.08
C VAL B 192 7.44 -10.79 26.57
N THR B 193 8.56 -10.80 25.85
CA THR B 193 8.56 -10.60 24.40
C THR B 193 9.13 -11.84 23.72
N LEU B 194 8.46 -12.29 22.67
CA LEU B 194 8.93 -13.42 21.88
C LEU B 194 8.43 -13.24 20.45
N GLY B 195 8.88 -14.12 19.57
CA GLY B 195 8.48 -14.01 18.19
C GLY B 195 8.86 -15.22 17.36
N CYS B 196 8.82 -15.02 16.04
CA CYS B 196 9.23 -16.05 15.10
CA CYS B 196 9.22 -16.05 15.09
C CYS B 196 10.01 -15.39 13.96
N LEU B 197 11.07 -16.07 13.55
CA LEU B 197 11.90 -15.63 12.43
C LEU B 197 11.47 -16.44 11.20
N VAL B 198 10.90 -15.77 10.22
CA VAL B 198 10.52 -16.39 8.96
C VAL B 198 11.68 -16.20 8.00
N SER B 199 12.50 -17.24 7.86
CA SER B 199 13.83 -17.11 7.28
C SER B 199 13.88 -17.70 5.88
N SER B 200 14.52 -16.96 4.96
CA SER B 200 14.93 -17.49 3.67
C SER B 200 13.76 -18.02 2.84
N TYR B 201 12.95 -17.12 2.28
CA TYR B 201 11.82 -17.54 1.46
C TYR B 201 11.80 -16.69 0.19
N MET B 202 10.99 -17.14 -0.77
CA MET B 202 10.89 -16.48 -2.07
C MET B 202 9.63 -16.98 -2.77
N PRO B 203 8.76 -16.07 -3.24
CA PRO B 203 8.77 -14.60 -3.15
C PRO B 203 7.93 -14.08 -1.98
N GLU B 204 7.71 -12.77 -1.98
CA GLU B 204 6.72 -12.15 -1.09
C GLU B 204 5.32 -12.40 -1.67
N PRO B 205 4.28 -12.26 -0.85
CA PRO B 205 4.32 -11.94 0.58
C PRO B 205 4.27 -13.16 1.48
N VAL B 206 4.37 -12.89 2.77
CA VAL B 206 4.12 -13.87 3.83
C VAL B 206 3.22 -13.21 4.85
N THR B 207 2.26 -13.94 5.37
CA THR B 207 1.37 -13.45 6.41
C THR B 207 1.66 -14.20 7.70
N VAL B 208 1.59 -13.49 8.82
CA VAL B 208 1.86 -14.05 10.13
C VAL B 208 0.70 -13.71 11.06
N THR B 209 0.22 -14.72 11.79
CA THR B 209 -0.73 -14.53 12.87
C THR B 209 -0.27 -15.34 14.07
N TRP B 210 -0.87 -15.07 15.23
CA TRP B 210 -0.51 -15.76 16.45
C TRP B 210 -1.74 -16.43 17.05
N ASN B 211 -1.53 -17.66 17.52
CA ASN B 211 -2.61 -18.44 18.13
C ASN B 211 -3.84 -18.48 17.22
N SER B 212 -3.59 -18.66 15.92
CA SER B 212 -4.64 -18.76 14.91
C SER B 212 -5.50 -17.50 14.86
N GLY B 213 -4.89 -16.33 15.10
CA GLY B 213 -5.59 -15.07 15.06
C GLY B 213 -6.25 -14.68 16.36
N ALA B 214 -6.29 -15.56 17.35
CA ALA B 214 -6.89 -15.23 18.63
C ALA B 214 -6.06 -14.26 19.46
N LEU B 215 -4.79 -14.06 19.09
CA LEU B 215 -3.90 -13.12 19.78
C LEU B 215 -3.67 -11.93 18.86
N LYS B 216 -4.35 -10.82 19.14
CA LYS B 216 -4.36 -9.67 18.26
C LYS B 216 -3.44 -8.57 18.77
N SER B 217 -3.77 -8.00 19.93
CA SER B 217 -2.98 -6.91 20.48
C SER B 217 -1.60 -7.40 20.90
N GLY B 218 -0.63 -6.49 20.87
CA GLY B 218 0.73 -6.81 21.21
C GLY B 218 1.56 -7.37 20.08
N VAL B 219 0.95 -7.63 18.92
CA VAL B 219 1.65 -8.22 17.78
C VAL B 219 2.16 -7.12 16.87
N HIS B 220 3.36 -7.32 16.32
CA HIS B 220 3.85 -6.49 15.23
C HIS B 220 4.73 -7.34 14.32
N THR B 221 4.45 -7.28 13.02
CA THR B 221 5.19 -8.03 12.02
C THR B 221 6.01 -7.04 11.19
N PHE B 222 7.33 -7.20 11.23
CA PHE B 222 8.22 -6.25 10.59
C PHE B 222 8.32 -6.54 9.09
N PRO B 223 8.66 -5.52 8.30
CA PRO B 223 8.90 -5.77 6.88
C PRO B 223 10.14 -6.63 6.69
N ALA B 224 10.22 -7.25 5.51
CA ALA B 224 11.25 -8.24 5.22
C ALA B 224 12.54 -7.57 4.76
N VAL B 225 13.65 -8.21 5.11
CA VAL B 225 14.96 -7.89 4.55
C VAL B 225 15.19 -8.81 3.37
N LEU B 226 15.83 -8.29 2.33
CA LEU B 226 16.17 -9.06 1.15
C LEU B 226 17.69 -9.24 1.15
N GLN B 227 18.13 -10.41 1.58
CA GLN B 227 19.54 -10.76 1.52
C GLN B 227 20.01 -10.75 0.07
N SER B 228 21.32 -10.56 -0.11
CA SER B 228 21.89 -10.64 -1.46
C SER B 228 21.69 -12.01 -2.08
N SER B 229 21.39 -13.03 -1.27
CA SER B 229 21.08 -14.35 -1.79
C SER B 229 19.82 -14.36 -2.63
N GLY B 230 19.01 -13.29 -2.56
CA GLY B 230 17.72 -13.26 -3.23
C GLY B 230 16.58 -13.77 -2.37
N LEU B 231 16.87 -14.26 -1.17
CA LEU B 231 15.85 -14.81 -0.28
C LEU B 231 15.47 -13.78 0.77
N TYR B 232 14.18 -13.76 1.12
CA TYR B 232 13.65 -12.81 2.07
C TYR B 232 13.67 -13.40 3.48
N SER B 233 13.76 -12.50 4.47
CA SER B 233 13.56 -12.86 5.86
C SER B 233 12.77 -11.74 6.53
N LEU B 234 11.89 -12.11 7.46
CA LEU B 234 11.20 -11.15 8.29
C LEU B 234 10.96 -11.76 9.65
N SER B 235 10.61 -10.92 10.60
CA SER B 235 10.32 -11.34 11.96
C SER B 235 8.96 -10.82 12.36
N SER B 236 8.30 -11.59 13.23
CA SER B 236 7.07 -11.17 13.88
C SER B 236 7.27 -11.26 15.37
N MET B 237 6.83 -10.24 16.08
CA MET B 237 7.03 -10.13 17.51
C MET B 237 5.68 -9.93 18.20
N VAL B 238 5.54 -10.51 19.39
CA VAL B 238 4.37 -10.31 20.21
C VAL B 238 4.85 -10.03 21.64
N THR B 239 4.31 -8.99 22.25
CA THR B 239 4.59 -8.65 23.64
C THR B 239 3.33 -8.89 24.46
N VAL B 240 3.46 -9.63 25.56
CA VAL B 240 2.30 -10.08 26.32
C VAL B 240 2.60 -9.94 27.81
N PRO B 241 1.62 -9.59 28.65
CA PRO B 241 1.90 -9.46 30.09
C PRO B 241 2.46 -10.74 30.69
N GLY B 242 3.57 -10.60 31.40
CA GLY B 242 4.17 -11.72 32.12
C GLY B 242 3.86 -11.63 33.60
N SER B 243 3.78 -12.77 34.30
CA SER B 243 3.97 -14.09 33.72
C SER B 243 2.72 -14.53 32.98
N THR B 244 2.90 -15.42 32.00
CA THR B 244 1.81 -15.98 31.21
C THR B 244 1.84 -17.50 31.27
N SER B 245 2.21 -18.04 32.43
CA SER B 245 2.23 -19.49 32.60
C SER B 245 0.81 -20.04 32.56
N GLY B 246 0.65 -21.16 31.88
CA GLY B 246 -0.66 -21.70 31.57
C GLY B 246 -1.20 -21.30 30.22
N GLN B 247 -0.36 -20.76 29.34
CA GLN B 247 -0.76 -20.33 28.02
C GLN B 247 0.36 -20.62 27.04
N THR B 248 -0.01 -20.99 25.82
CA THR B 248 0.94 -21.31 24.76
C THR B 248 0.92 -20.22 23.70
N PHE B 249 1.98 -20.20 22.89
CA PHE B 249 2.14 -19.20 21.84
C PHE B 249 2.60 -19.88 20.56
N THR B 250 1.82 -19.73 19.49
CA THR B 250 2.10 -20.37 18.21
C THR B 250 2.02 -19.34 17.10
N CYS B 251 3.07 -19.25 16.30
CA CYS B 251 3.11 -18.33 15.17
CA CYS B 251 3.16 -18.33 15.17
C CYS B 251 2.72 -19.07 13.91
N ASN B 252 1.70 -18.57 13.23
CA ASN B 252 1.15 -19.18 12.03
C ASN B 252 1.65 -18.42 10.82
N VAL B 253 2.45 -19.08 9.99
CA VAL B 253 3.08 -18.48 8.82
C VAL B 253 2.47 -19.09 7.57
N ALA B 254 2.02 -18.25 6.65
CA ALA B 254 1.46 -18.68 5.38
C ALA B 254 2.28 -18.11 4.25
N HIS B 255 2.73 -18.97 3.34
CA HIS B 255 3.49 -18.57 2.14
C HIS B 255 2.70 -19.06 0.94
N PRO B 256 1.69 -18.29 0.50
CA PRO B 256 0.79 -18.82 -0.54
C PRO B 256 1.48 -19.24 -1.82
N ALA B 257 2.67 -18.70 -2.10
CA ALA B 257 3.36 -19.02 -3.34
C ALA B 257 3.75 -20.49 -3.42
N SER B 258 3.83 -21.18 -2.28
CA SER B 258 4.14 -22.61 -2.24
C SER B 258 3.09 -23.40 -1.47
N SER B 259 1.91 -22.83 -1.27
CA SER B 259 0.79 -23.53 -0.63
C SER B 259 1.20 -24.13 0.71
N THR B 260 2.23 -23.57 1.34
CA THR B 260 2.73 -24.10 2.60
C THR B 260 2.27 -23.23 3.75
N LYS B 261 1.96 -23.87 4.87
CA LYS B 261 1.53 -23.19 6.08
C LYS B 261 2.24 -23.84 7.25
N VAL B 262 2.91 -23.03 8.07
CA VAL B 262 3.71 -23.52 9.18
C VAL B 262 3.14 -22.92 10.47
N ASP B 263 2.94 -23.75 11.47
CA ASP B 263 2.49 -23.33 12.80
C ASP B 263 3.57 -23.75 13.80
N LYS B 264 4.43 -22.80 14.19
CA LYS B 264 5.57 -23.08 15.03
C LYS B 264 5.26 -22.75 16.49
N ALA B 265 5.42 -23.73 17.37
CA ALA B 265 5.23 -23.52 18.79
C ALA B 265 6.43 -22.78 19.36
N VAL B 266 6.19 -21.65 20.01
CA VAL B 266 7.24 -20.84 20.62
C VAL B 266 7.12 -21.00 22.12
N GLU B 267 8.13 -21.62 22.72
CA GLU B 267 8.19 -21.85 24.16
C GLU B 267 9.29 -21.00 24.78
N PRO B 268 9.04 -20.33 25.90
CA PRO B 268 10.10 -19.53 26.53
C PRO B 268 11.26 -20.41 26.98
N LYS B 269 12.46 -19.84 26.93
CA LYS B 269 13.68 -20.58 27.23
C LYS B 269 13.74 -20.87 28.72
N SER B 270 13.47 -22.11 29.10
CA SER B 270 13.48 -22.53 30.50
C SER B 270 14.90 -22.85 30.93
N CYS B 271 15.37 -22.18 31.99
CA CYS B 271 16.69 -22.46 32.54
C CYS B 271 16.61 -22.57 34.05
#